data_1U1M
#
_entry.id   1U1M
#
_cell.length_a   50.840
_cell.length_b   50.840
_cell.length_c   172.427
_cell.angle_alpha   90.00
_cell.angle_beta   90.00
_cell.angle_gamma   90.00
#
_symmetry.space_group_name_H-M   'P 43 21 2'
#
loop_
_entity.id
_entity.type
_entity.pdbx_description
1 polymer "5'-D(*TP*AP*GP*GP*GP*TP*TP*AP*(7GU)P*GP*G)-3'"
2 polymer 'Heterogeneous nuclear ribonucleoprotein A1'
3 water water
#
loop_
_entity_poly.entity_id
_entity_poly.type
_entity_poly.pdbx_seq_one_letter_code
_entity_poly.pdbx_strand_id
1 'polydeoxyribonucleotide' (DT)(DA)(DG)(DG)(DG)(DT)(DT)(DA)(7GU)(DG)(DG) B
2 'polypeptide(L)'
;MSKSESPKEPEQLRKLFIGGLSFETTDESLRSHFEQWGTLTDCVVMRDPNTKRSRGFGFVTYATVEEVDAAMNARPHKVD
GRVVEPKRAVSREDSQRPGAHLTVKKIFVGGIKEDTEEHHLRDYFEQYGKIEVIEIMTDRGSGKKRGFAFVTFDDHDSVD
KIVIQKYHTVNGHNCEVRKALSKQEMASASSSQRGR
;
A
#
loop_
_chem_comp.id
_chem_comp.type
_chem_comp.name
_chem_comp.formula
7GU DNA linking 7-DEAZA-2'-DEOXYGUANOSINE-5'-MONOPHOSPHATE 'C11 H15 N4 O7 P'
DA DNA linking 2'-DEOXYADENOSINE-5'-MONOPHOSPHATE 'C10 H14 N5 O6 P'
DG DNA linking 2'-DEOXYGUANOSINE-5'-MONOPHOSPHATE 'C10 H14 N5 O7 P'
DT DNA linking THYMIDINE-5'-MONOPHOSPHATE 'C10 H15 N2 O8 P'
#
# COMPACT_ATOMS: atom_id res chain seq x y z
P 7GU A 9 -22.69 0.96 23.77
OP1 7GU A 9 -22.51 -0.50 23.51
OP2 7GU A 9 -24.00 1.48 24.14
O5' 7GU A 9 -21.65 1.43 24.88
N9 7GU A 9 -21.21 6.77 26.98
C4 7GU A 9 -21.58 7.38 25.82
N3 7GU A 9 -22.20 6.76 24.77
C2 7GU A 9 -22.44 7.59 23.76
N2 7GU A 9 -23.05 7.15 22.65
N1 7GU A 9 -22.08 8.94 23.78
C6 7GU A 9 -21.44 9.59 24.86
O6 7GU A 9 -21.16 10.79 24.77
C5 7GU A 9 -21.18 8.70 25.96
C7 7GU A 9 -20.58 8.91 27.20
C8 7GU A 9 -20.62 7.73 27.77
C2' 7GU A 9 -22.73 4.67 27.49
C5' 7GU A 9 -21.20 2.78 24.92
C4' 7GU A 9 -21.16 3.30 26.36
O4' 7GU A 9 -20.49 4.55 26.57
C1' 7GU A 9 -21.39 5.36 27.29
C3' 7GU A 9 -22.28 3.22 27.39
O3' 7GU A 9 -21.88 2.57 28.60
N LYS B 8 7.29 12.24 16.77
CA LYS B 8 7.49 10.92 16.11
C LYS B 8 6.35 10.70 15.11
N GLU B 9 6.56 9.77 14.17
CA GLU B 9 5.55 9.47 13.16
C GLU B 9 4.55 8.48 13.73
N PRO B 10 3.32 8.45 13.18
CA PRO B 10 2.27 7.55 13.66
C PRO B 10 2.67 6.08 13.54
N GLU B 11 2.33 5.31 14.57
CA GLU B 11 2.61 3.90 14.62
C GLU B 11 2.14 3.19 13.35
N GLN B 12 0.93 3.48 12.90
CA GLN B 12 0.40 2.84 11.71
C GLN B 12 1.30 3.02 10.48
N LEU B 13 1.92 4.17 10.36
CA LEU B 13 2.80 4.46 9.22
C LEU B 13 4.21 3.95 9.41
N ARG B 14 4.50 3.42 10.60
CA ARG B 14 5.83 2.90 10.89
C ARG B 14 5.82 1.37 10.87
N LYS B 15 4.66 0.78 10.62
CA LYS B 15 4.51 -0.67 10.61
C LYS B 15 4.26 -1.33 9.25
N LEU B 16 4.86 -2.50 9.07
CA LEU B 16 4.71 -3.31 7.86
C LEU B 16 4.08 -4.66 8.18
N PHE B 17 3.21 -5.11 7.30
CA PHE B 17 2.58 -6.41 7.42
C PHE B 17 3.56 -7.34 6.71
N ILE B 18 3.79 -8.53 7.25
CA ILE B 18 4.70 -9.47 6.62
C ILE B 18 3.95 -10.78 6.37
N GLY B 19 3.56 -11.01 5.11
CA GLY B 19 2.84 -12.22 4.78
C GLY B 19 3.70 -13.37 4.29
N GLY B 20 3.12 -14.58 4.27
CA GLY B 20 3.84 -15.75 3.81
C GLY B 20 5.04 -16.15 4.65
N LEU B 21 4.96 -15.88 5.95
CA LEU B 21 6.06 -16.24 6.83
C LEU B 21 6.14 -17.77 6.92
N SER B 22 7.36 -18.27 7.01
CA SER B 22 7.57 -19.72 7.14
C SER B 22 7.02 -20.18 8.48
N PHE B 23 6.71 -21.47 8.57
CA PHE B 23 6.18 -22.05 9.79
C PHE B 23 7.17 -21.94 10.96
N GLU B 24 8.46 -21.87 10.62
CA GLU B 24 9.53 -21.78 11.62
C GLU B 24 9.75 -20.39 12.18
N THR B 25 9.41 -19.37 11.41
CA THR B 25 9.63 -18.00 11.85
C THR B 25 8.96 -17.64 13.17
N THR B 26 9.73 -17.01 14.05
CA THR B 26 9.24 -16.59 15.36
C THR B 26 9.51 -15.11 15.53
N ASP B 27 8.95 -14.54 16.58
CA ASP B 27 9.16 -13.12 16.85
C ASP B 27 10.64 -12.83 16.73
N GLU B 28 11.43 -13.76 17.27
CA GLU B 28 12.88 -13.65 17.28
C GLU B 28 13.53 -13.67 15.91
N SER B 29 13.21 -14.68 15.10
CA SER B 29 13.81 -14.78 13.77
C SER B 29 13.36 -13.64 12.85
N LEU B 30 12.14 -13.16 13.07
CA LEU B 30 11.61 -12.05 12.27
C LEU B 30 12.42 -10.81 12.63
N ARG B 31 12.44 -10.50 13.92
CA ARG B 31 13.19 -9.34 14.41
C ARG B 31 14.62 -9.36 13.90
N SER B 32 15.30 -10.49 14.10
CA SER B 32 16.69 -10.64 13.66
C SER B 32 16.94 -10.24 12.19
N HIS B 33 15.99 -10.54 11.31
CA HIS B 33 16.12 -10.21 9.89
C HIS B 33 15.88 -8.73 9.60
N PHE B 34 14.71 -8.25 9.98
CA PHE B 34 14.34 -6.87 9.72
C PHE B 34 15.09 -5.81 10.51
N GLU B 35 15.78 -6.20 11.57
CA GLU B 35 16.55 -5.24 12.34
C GLU B 35 17.71 -4.75 11.48
N GLN B 36 17.98 -5.47 10.39
CA GLN B 36 19.07 -5.11 9.48
C GLN B 36 18.82 -3.79 8.77
N TRP B 37 17.61 -3.25 8.89
CA TRP B 37 17.27 -2.00 8.23
C TRP B 37 16.77 -0.94 9.18
N GLY B 38 17.01 -1.13 10.47
CA GLY B 38 16.58 -0.13 11.44
C GLY B 38 16.18 -0.64 12.80
N THR B 39 15.78 0.29 13.66
CA THR B 39 15.35 0.00 15.02
C THR B 39 13.90 -0.46 15.02
N LEU B 40 13.66 -1.67 15.51
CA LEU B 40 12.30 -2.19 15.56
C LEU B 40 11.69 -1.87 16.91
N THR B 41 10.52 -1.23 16.88
CA THR B 41 9.83 -0.86 18.10
C THR B 41 8.78 -1.90 18.43
N ASP B 42 8.57 -2.81 17.49
CA ASP B 42 7.58 -3.88 17.65
C ASP B 42 7.89 -4.95 16.60
N CYS B 43 7.60 -6.20 16.94
CA CYS B 43 7.85 -7.31 16.01
C CYS B 43 7.08 -8.49 16.55
N VAL B 44 6.22 -9.07 15.73
CA VAL B 44 5.44 -10.17 16.22
C VAL B 44 4.86 -11.05 15.12
N VAL B 45 4.70 -12.32 15.47
CA VAL B 45 4.14 -13.34 14.60
C VAL B 45 2.78 -13.68 15.18
N MET B 46 1.73 -13.51 14.37
CA MET B 46 0.38 -13.82 14.83
C MET B 46 0.18 -15.32 14.86
N ARG B 47 -0.30 -15.82 15.98
CA ARG B 47 -0.54 -17.24 16.16
C ARG B 47 -1.98 -17.51 16.55
N ASP B 48 -2.39 -18.76 16.45
CA ASP B 48 -3.75 -19.15 16.82
C ASP B 48 -3.85 -19.14 18.33
N PRO B 49 -4.92 -18.56 18.88
CA PRO B 49 -5.11 -18.49 20.34
C PRO B 49 -4.89 -19.83 21.04
N ASN B 50 -5.53 -20.88 20.53
CA ASN B 50 -5.41 -22.20 21.12
C ASN B 50 -4.14 -22.94 20.68
N THR B 51 -4.17 -23.50 19.48
CA THR B 51 -3.05 -24.25 18.95
C THR B 51 -1.71 -23.49 19.04
N LYS B 52 -1.78 -22.17 19.22
CA LYS B 52 -0.58 -21.33 19.33
C LYS B 52 0.30 -21.45 18.09
N ARG B 53 -0.24 -22.05 17.04
CA ARG B 53 0.50 -22.23 15.79
C ARG B 53 0.54 -20.91 15.03
N SER B 54 1.57 -20.74 14.21
CA SER B 54 1.71 -19.53 13.43
C SER B 54 0.61 -19.43 12.39
N ARG B 55 0.12 -18.22 12.15
CA ARG B 55 -0.91 -18.00 11.17
C ARG B 55 -0.25 -17.64 9.84
N GLY B 56 1.07 -17.74 9.80
CA GLY B 56 1.81 -17.45 8.59
C GLY B 56 1.94 -15.99 8.21
N PHE B 57 1.88 -15.12 9.21
CA PHE B 57 2.02 -13.70 8.93
C PHE B 57 2.36 -12.94 10.19
N GLY B 58 2.90 -11.75 10.04
CA GLY B 58 3.27 -10.98 11.20
C GLY B 58 3.42 -9.52 10.93
N PHE B 59 4.02 -8.80 11.88
CA PHE B 59 4.21 -7.37 11.73
C PHE B 59 5.55 -6.94 12.34
N VAL B 60 6.19 -5.96 11.73
CA VAL B 60 7.43 -5.37 12.22
C VAL B 60 7.19 -3.87 12.14
N THR B 61 7.65 -3.14 13.15
CA THR B 61 7.45 -1.70 13.18
C THR B 61 8.76 -1.02 13.51
N TYR B 62 9.14 -0.05 12.69
CA TYR B 62 10.39 0.68 12.88
C TYR B 62 10.18 1.97 13.64
N ALA B 63 11.28 2.58 14.09
CA ALA B 63 11.19 3.84 14.82
C ALA B 63 10.90 4.97 13.86
N THR B 64 11.11 4.74 12.56
CA THR B 64 10.89 5.79 11.57
C THR B 64 10.40 5.25 10.24
N VAL B 65 9.68 6.08 9.50
CA VAL B 65 9.16 5.69 8.20
C VAL B 65 10.33 5.54 7.23
N GLU B 66 11.40 6.31 7.48
CA GLU B 66 12.58 6.24 6.63
C GLU B 66 13.13 4.81 6.65
N GLU B 67 13.12 4.19 7.83
CA GLU B 67 13.60 2.83 7.97
C GLU B 67 12.62 1.87 7.27
N VAL B 68 11.32 2.15 7.37
CA VAL B 68 10.33 1.31 6.69
C VAL B 68 10.62 1.34 5.21
N ASP B 69 10.84 2.54 4.67
CA ASP B 69 11.13 2.69 3.25
C ASP B 69 12.38 1.93 2.86
N ALA B 70 13.37 1.94 3.75
CA ALA B 70 14.62 1.24 3.48
C ALA B 70 14.32 -0.25 3.36
N ALA B 71 13.55 -0.77 4.31
CA ALA B 71 13.18 -2.18 4.31
C ALA B 71 12.46 -2.55 3.02
N MET B 72 11.48 -1.74 2.61
CA MET B 72 10.76 -2.02 1.38
C MET B 72 11.69 -1.96 0.18
N ASN B 73 12.63 -1.03 0.19
CA ASN B 73 13.57 -0.92 -0.92
C ASN B 73 14.52 -2.12 -0.96
N ALA B 74 14.55 -2.88 0.13
CA ALA B 74 15.42 -4.04 0.24
C ALA B 74 14.78 -5.34 -0.23
N ARG B 75 13.61 -5.26 -0.85
CA ARG B 75 12.93 -6.46 -1.35
C ARG B 75 13.76 -7.04 -2.49
N PRO B 76 13.67 -8.35 -2.72
CA PRO B 76 12.84 -9.30 -1.97
C PRO B 76 13.48 -9.73 -0.64
N HIS B 77 12.62 -10.08 0.30
CA HIS B 77 13.04 -10.51 1.62
C HIS B 77 12.84 -12.01 1.84
N LYS B 78 13.91 -12.70 2.23
CA LYS B 78 13.81 -14.13 2.50
C LYS B 78 14.07 -14.26 4.00
N VAL B 79 13.08 -14.79 4.72
CA VAL B 79 13.22 -14.96 6.16
C VAL B 79 13.04 -16.43 6.47
N ASP B 80 14.04 -17.00 7.14
CA ASP B 80 14.01 -18.41 7.49
C ASP B 80 13.84 -19.32 6.26
N GLY B 81 14.53 -18.96 5.18
CA GLY B 81 14.48 -19.72 3.94
C GLY B 81 13.24 -19.62 3.07
N ARG B 82 12.31 -18.74 3.43
CA ARG B 82 11.06 -18.55 2.70
C ARG B 82 10.96 -17.09 2.26
N VAL B 83 10.61 -16.87 1.00
CA VAL B 83 10.47 -15.50 0.52
C VAL B 83 9.15 -14.98 1.09
N VAL B 84 9.24 -13.91 1.87
CA VAL B 84 8.06 -13.31 2.50
C VAL B 84 7.55 -12.13 1.66
N GLU B 85 6.35 -11.66 1.98
CA GLU B 85 5.77 -10.53 1.27
C GLU B 85 5.45 -9.34 2.20
N PRO B 86 6.37 -8.37 2.29
CA PRO B 86 6.19 -7.19 3.14
C PRO B 86 5.27 -6.16 2.48
N LYS B 87 4.36 -5.60 3.25
CA LYS B 87 3.44 -4.60 2.74
C LYS B 87 3.16 -3.52 3.77
N ARG B 88 2.84 -2.32 3.31
CA ARG B 88 2.50 -1.25 4.24
C ARG B 88 1.32 -1.76 5.06
N ALA B 89 1.40 -1.62 6.38
CA ALA B 89 0.31 -2.11 7.23
C ALA B 89 -0.96 -1.27 7.02
N VAL B 90 -2.07 -1.93 6.70
CA VAL B 90 -3.33 -1.21 6.48
C VAL B 90 -4.13 -1.24 7.77
N SER B 91 -4.57 -0.09 8.24
CA SER B 91 -5.31 -0.01 9.50
C SER B 91 -6.49 -0.97 9.53
N ARG B 92 -6.86 -1.38 10.74
CA ARG B 92 -7.98 -2.29 10.95
C ARG B 92 -9.24 -1.69 10.34
N GLU B 93 -9.39 -0.37 10.46
CA GLU B 93 -10.55 0.32 9.87
C GLU B 93 -10.57 0.18 8.35
N ASP B 94 -9.48 0.57 7.68
CA ASP B 94 -9.43 0.45 6.23
C ASP B 94 -9.43 -1.02 5.77
N SER B 95 -8.97 -1.92 6.63
CA SER B 95 -8.94 -3.33 6.26
C SER B 95 -10.33 -3.86 5.94
N GLN B 96 -11.36 -3.11 6.32
CA GLN B 96 -12.74 -3.48 6.07
C GLN B 96 -13.13 -3.23 4.61
N ARG B 97 -12.69 -2.09 4.08
CA ARG B 97 -12.99 -1.73 2.69
C ARG B 97 -12.62 -2.86 1.74
N PRO B 98 -13.48 -3.12 0.74
CA PRO B 98 -13.19 -4.19 -0.22
C PRO B 98 -11.90 -3.98 -1.01
N GLY B 99 -11.15 -5.07 -1.17
CA GLY B 99 -9.89 -5.02 -1.92
C GLY B 99 -8.74 -4.32 -1.21
N ALA B 100 -8.99 -3.86 0.02
CA ALA B 100 -7.97 -3.15 0.79
C ALA B 100 -6.61 -3.85 0.83
N HIS B 101 -6.60 -5.17 0.79
CA HIS B 101 -5.32 -5.90 0.86
C HIS B 101 -4.78 -6.42 -0.47
N LEU B 102 -5.44 -6.07 -1.56
CA LEU B 102 -4.99 -6.53 -2.89
C LEU B 102 -3.64 -5.93 -3.29
N THR B 103 -2.89 -6.71 -4.06
CA THR B 103 -1.61 -6.24 -4.56
C THR B 103 -1.96 -5.67 -5.93
N VAL B 104 -2.09 -4.34 -6.01
CA VAL B 104 -2.42 -3.70 -7.29
C VAL B 104 -1.46 -2.54 -7.61
N LYS B 105 -1.31 -2.23 -8.90
CA LYS B 105 -0.42 -1.17 -9.33
C LYS B 105 -1.14 0.08 -9.82
N LYS B 106 -2.48 0.04 -9.82
CA LYS B 106 -3.25 1.18 -10.30
C LYS B 106 -4.15 1.79 -9.22
N ILE B 107 -4.23 3.11 -9.21
CA ILE B 107 -5.08 3.81 -8.25
C ILE B 107 -6.21 4.57 -8.92
N PHE B 108 -7.33 4.64 -8.23
CA PHE B 108 -8.50 5.37 -8.69
C PHE B 108 -8.38 6.73 -7.99
N VAL B 109 -8.41 7.80 -8.78
CA VAL B 109 -8.33 9.17 -8.25
C VAL B 109 -9.67 9.85 -8.55
N GLY B 110 -10.47 10.07 -7.51
CA GLY B 110 -11.76 10.68 -7.72
C GLY B 110 -11.91 12.06 -7.12
N GLY B 111 -12.72 12.88 -7.78
CA GLY B 111 -12.93 14.24 -7.32
C GLY B 111 -12.01 15.26 -7.96
N ILE B 112 -11.50 14.97 -9.16
CA ILE B 112 -10.61 15.92 -9.83
C ILE B 112 -11.35 16.96 -10.67
N LYS B 113 -10.91 18.22 -10.58
CA LYS B 113 -11.51 19.32 -11.34
C LYS B 113 -11.54 18.99 -12.82
N GLU B 114 -12.59 19.46 -13.49
CA GLU B 114 -12.76 19.18 -14.92
C GLU B 114 -11.58 19.62 -15.75
N ASP B 115 -10.89 20.68 -15.33
CA ASP B 115 -9.75 21.19 -16.06
C ASP B 115 -8.45 20.47 -15.67
N THR B 116 -8.57 19.32 -15.02
CA THR B 116 -7.37 18.58 -14.64
C THR B 116 -6.71 17.96 -15.85
N GLU B 117 -5.40 18.13 -15.93
CA GLU B 117 -4.61 17.59 -17.01
C GLU B 117 -3.56 16.65 -16.41
N GLU B 118 -3.01 15.78 -17.24
CA GLU B 118 -2.03 14.81 -16.78
C GLU B 118 -0.84 15.37 -16.02
N HIS B 119 -0.33 16.51 -16.44
CA HIS B 119 0.82 17.07 -15.74
C HIS B 119 0.43 17.29 -14.26
N HIS B 120 -0.84 17.59 -14.02
CA HIS B 120 -1.32 17.81 -12.65
C HIS B 120 -1.11 16.57 -11.82
N LEU B 121 -1.52 15.44 -12.39
CA LEU B 121 -1.40 14.16 -11.70
C LEU B 121 0.05 13.77 -11.47
N ARG B 122 0.90 14.05 -12.44
CA ARG B 122 2.32 13.72 -12.33
C ARG B 122 2.98 14.51 -11.23
N ASP B 123 2.66 15.80 -11.17
CA ASP B 123 3.23 16.68 -10.17
C ASP B 123 3.01 16.23 -8.74
N TYR B 124 1.91 15.50 -8.51
CA TYR B 124 1.64 15.02 -7.17
C TYR B 124 2.07 13.58 -6.96
N PHE B 125 1.76 12.74 -7.93
CA PHE B 125 2.07 11.31 -7.80
C PHE B 125 3.47 10.79 -8.09
N GLU B 126 4.22 11.47 -8.95
CA GLU B 126 5.56 10.97 -9.27
C GLU B 126 6.44 10.77 -8.04
N GLN B 127 6.22 11.56 -7.01
CA GLN B 127 7.01 11.45 -5.78
C GLN B 127 6.85 10.08 -5.13
N TYR B 128 5.83 9.33 -5.52
CA TYR B 128 5.57 8.01 -4.94
C TYR B 128 6.15 6.84 -5.71
N GLY B 129 6.57 7.08 -6.95
CA GLY B 129 7.13 6.00 -7.75
C GLY B 129 6.97 6.20 -9.25
N LYS B 130 7.62 5.36 -10.04
CA LYS B 130 7.55 5.45 -11.50
C LYS B 130 6.12 5.30 -11.99
N ILE B 131 5.63 6.29 -12.73
CA ILE B 131 4.27 6.20 -13.26
C ILE B 131 4.36 5.53 -14.63
N GLU B 132 3.49 4.55 -14.85
CA GLU B 132 3.46 3.83 -16.11
C GLU B 132 2.37 4.34 -17.02
N VAL B 133 1.17 4.57 -16.48
CA VAL B 133 0.04 5.04 -17.27
C VAL B 133 -0.87 6.00 -16.50
N ILE B 134 -1.34 7.02 -17.20
CA ILE B 134 -2.24 8.02 -16.63
C ILE B 134 -3.45 8.10 -17.55
N GLU B 135 -4.64 7.96 -16.97
CA GLU B 135 -5.86 7.99 -17.76
C GLU B 135 -6.92 8.89 -17.15
N ILE B 136 -7.14 10.06 -17.74
CA ILE B 136 -8.19 10.95 -17.23
C ILE B 136 -9.47 10.55 -17.96
N MET B 137 -10.43 10.04 -17.19
CA MET B 137 -11.68 9.53 -17.74
C MET B 137 -12.68 10.54 -18.26
N THR B 138 -13.28 10.18 -19.39
CA THR B 138 -14.29 10.99 -20.04
C THR B 138 -15.35 10.06 -20.58
N ASP B 139 -16.50 10.61 -20.89
CA ASP B 139 -17.57 9.80 -21.44
C ASP B 139 -17.23 9.54 -22.91
N ARG B 140 -17.14 8.27 -23.27
CA ARG B 140 -16.83 7.89 -24.64
C ARG B 140 -18.12 8.06 -25.45
N GLY B 141 -18.47 9.30 -25.72
CA GLY B 141 -19.67 9.57 -26.49
C GLY B 141 -19.88 11.07 -26.55
N SER B 142 -19.95 11.69 -25.38
CA SER B 142 -20.12 13.13 -25.28
C SER B 142 -18.75 13.78 -25.13
N GLY B 143 -17.80 12.99 -24.65
CA GLY B 143 -16.45 13.51 -24.45
C GLY B 143 -16.39 14.34 -23.19
N LYS B 144 -17.48 14.35 -22.42
CA LYS B 144 -17.52 15.11 -21.18
C LYS B 144 -16.61 14.48 -20.13
N LYS B 145 -15.88 15.31 -19.38
CA LYS B 145 -14.99 14.82 -18.32
C LYS B 145 -15.86 14.18 -17.24
N ARG B 146 -15.43 13.05 -16.70
CA ARG B 146 -16.23 12.39 -15.66
C ARG B 146 -15.78 12.69 -14.23
N GLY B 147 -14.70 13.45 -14.10
CA GLY B 147 -14.21 13.81 -12.78
C GLY B 147 -13.36 12.81 -12.01
N PHE B 148 -12.71 11.89 -12.71
CA PHE B 148 -11.84 10.92 -12.05
C PHE B 148 -10.81 10.35 -13.02
N ALA B 149 -9.71 9.85 -12.46
CA ALA B 149 -8.64 9.28 -13.27
C ALA B 149 -8.09 7.99 -12.69
N PHE B 150 -7.25 7.34 -13.48
CA PHE B 150 -6.59 6.10 -13.09
C PHE B 150 -5.11 6.35 -13.34
N VAL B 151 -4.28 6.00 -12.37
CA VAL B 151 -2.84 6.17 -12.50
C VAL B 151 -2.24 4.81 -12.21
N THR B 152 -1.40 4.33 -13.11
CA THR B 152 -0.78 3.01 -12.94
C THR B 152 0.70 3.17 -12.67
N PHE B 153 1.20 2.49 -11.62
CA PHE B 153 2.61 2.56 -11.28
C PHE B 153 3.34 1.28 -11.61
N ASP B 154 4.65 1.30 -11.40
CA ASP B 154 5.51 0.16 -11.68
C ASP B 154 5.60 -0.78 -10.48
N ASP B 155 5.46 -0.22 -9.30
CA ASP B 155 5.56 -0.95 -8.04
C ASP B 155 4.27 -0.88 -7.22
N HIS B 156 3.78 -2.02 -6.73
CA HIS B 156 2.56 -2.02 -5.92
C HIS B 156 2.75 -1.21 -4.64
N ASP B 157 4.00 -1.09 -4.18
CA ASP B 157 4.27 -0.34 -2.96
C ASP B 157 3.99 1.15 -3.13
N SER B 158 4.06 1.65 -4.36
CA SER B 158 3.77 3.06 -4.62
C SER B 158 2.31 3.27 -4.28
N VAL B 159 1.48 2.37 -4.75
CA VAL B 159 0.04 2.42 -4.50
C VAL B 159 -0.23 2.30 -3.00
N ASP B 160 0.47 1.37 -2.34
CA ASP B 160 0.27 1.19 -0.91
C ASP B 160 0.69 2.44 -0.12
N LYS B 161 1.84 3.02 -0.46
CA LYS B 161 2.33 4.23 0.22
C LYS B 161 1.34 5.38 0.06
N ILE B 162 0.62 5.36 -1.06
CA ILE B 162 -0.34 6.40 -1.34
C ILE B 162 -1.66 6.22 -0.61
N VAL B 163 -2.29 5.06 -0.79
CA VAL B 163 -3.60 4.83 -0.19
C VAL B 163 -3.66 4.82 1.33
N ILE B 164 -2.50 4.69 2.00
CA ILE B 164 -2.52 4.71 3.45
C ILE B 164 -2.58 6.15 3.96
N GLN B 165 -2.27 7.11 3.08
CA GLN B 165 -2.33 8.53 3.45
C GLN B 165 -3.79 8.95 3.32
N LYS B 166 -4.18 10.02 4.01
CA LYS B 166 -5.56 10.47 3.98
C LYS B 166 -5.84 11.52 2.90
N TYR B 167 -4.93 12.48 2.72
CA TYR B 167 -5.14 13.56 1.75
C TYR B 167 -4.15 13.57 0.60
N HIS B 168 -4.64 13.99 -0.56
CA HIS B 168 -3.84 14.06 -1.78
C HIS B 168 -4.31 15.29 -2.54
N THR B 169 -3.38 16.18 -2.83
CA THR B 169 -3.70 17.42 -3.52
C THR B 169 -3.31 17.37 -4.99
N VAL B 170 -4.31 17.47 -5.85
CA VAL B 170 -4.07 17.45 -7.28
C VAL B 170 -4.78 18.63 -7.90
N ASN B 171 -4.07 19.36 -8.75
CA ASN B 171 -4.63 20.54 -9.42
C ASN B 171 -5.19 21.53 -8.38
N GLY B 172 -4.45 21.71 -7.29
CA GLY B 172 -4.84 22.64 -6.26
C GLY B 172 -5.80 22.17 -5.17
N HIS B 173 -6.54 21.10 -5.42
CA HIS B 173 -7.50 20.61 -4.42
C HIS B 173 -7.40 19.13 -4.09
N ASN B 174 -7.80 18.80 -2.87
CA ASN B 174 -7.76 17.42 -2.39
C ASN B 174 -8.57 16.51 -3.31
N CYS B 175 -8.18 15.24 -3.34
CA CYS B 175 -8.89 14.23 -4.13
C CYS B 175 -8.83 12.90 -3.39
N GLU B 176 -9.80 12.03 -3.65
CA GLU B 176 -9.83 10.73 -2.97
C GLU B 176 -9.08 9.70 -3.79
N VAL B 177 -8.16 8.97 -3.16
CA VAL B 177 -7.40 7.95 -3.87
C VAL B 177 -7.60 6.56 -3.25
N ARG B 178 -8.12 5.63 -4.04
CA ARG B 178 -8.32 4.27 -3.57
C ARG B 178 -7.62 3.31 -4.51
N LYS B 179 -7.52 2.05 -4.12
CA LYS B 179 -6.90 1.07 -5.00
C LYS B 179 -7.93 0.82 -6.10
N ALA B 180 -7.46 0.65 -7.33
CA ALA B 180 -8.40 0.42 -8.43
C ALA B 180 -8.94 -1.02 -8.43
N LEU B 181 -10.27 -1.15 -8.45
CA LEU B 181 -10.89 -2.47 -8.53
C LEU B 181 -11.29 -2.66 -9.99
N SER B 182 -11.41 -3.91 -10.41
CA SER B 182 -11.77 -4.19 -11.79
C SER B 182 -13.25 -3.94 -11.97
N LYS B 183 -13.70 -3.99 -13.22
CA LYS B 183 -15.10 -3.78 -13.52
C LYS B 183 -15.92 -4.79 -12.71
N GLN B 184 -15.39 -6.00 -12.55
CA GLN B 184 -16.09 -7.04 -11.81
C GLN B 184 -15.96 -6.89 -10.31
N GLU B 185 -14.77 -6.52 -9.84
CA GLU B 185 -14.58 -6.35 -8.41
C GLU B 185 -15.53 -5.26 -7.90
N MET B 186 -15.68 -4.19 -8.69
CA MET B 186 -16.58 -3.11 -8.31
C MET B 186 -17.96 -3.72 -8.10
N ALA B 187 -18.39 -4.50 -9.09
CA ALA B 187 -19.69 -5.16 -9.03
C ALA B 187 -19.79 -6.00 -7.75
N SER B 188 -18.82 -6.88 -7.53
CA SER B 188 -18.84 -7.74 -6.35
C SER B 188 -18.79 -6.97 -5.03
N ALA B 189 -18.48 -5.67 -5.09
CA ALA B 189 -18.41 -4.86 -3.89
C ALA B 189 -19.67 -4.02 -3.73
N SER B 190 -20.48 -3.98 -4.79
CA SER B 190 -21.73 -3.22 -4.76
C SER B 190 -22.92 -4.15 -4.52
#